data_1HJI
#
_entry.id   1HJI
#
_cell.length_a   1.000
_cell.length_b   1.000
_cell.length_c   1.000
_cell.angle_alpha   90.00
_cell.angle_beta   90.00
_cell.angle_gamma   90.00
#
_symmetry.space_group_name_H-M   'P 1'
#
loop_
_entity.id
_entity.type
_entity.pdbx_description
1 polymer 'RNA (5-R(P*GP*CP*CP*CP*UP*GP*AP*AP*AP*AP*AP*GP*GP*GP*C)-3)'
2 polymer NUN-PROTEIN
#
loop_
_entity_poly.entity_id
_entity_poly.type
_entity_poly.pdbx_seq_one_letter_code
_entity_poly.pdbx_strand_id
1 'polyribonucleotide' GCCCUGAAAAAGGGC A
2 'polypeptide(L)' DRGLTSRDRRRIARWEKRIAYALKNG B
#
# COMPACT_ATOMS: atom_id res chain seq x y z
N ASP B 1 -2.17 14.87 -16.62
CA ASP B 1 -1.85 13.44 -16.32
C ASP B 1 -1.09 13.33 -15.00
N ARG B 2 -1.10 12.18 -14.38
CA ARG B 2 -0.38 12.02 -13.10
C ARG B 2 0.72 10.97 -13.24
N GLY B 3 1.84 11.19 -12.61
CA GLY B 3 2.95 10.21 -12.71
C GLY B 3 2.62 8.98 -11.86
N LEU B 4 1.68 9.10 -10.97
CA LEU B 4 1.31 7.93 -10.10
C LEU B 4 0.09 7.23 -10.68
N THR B 5 -0.02 5.94 -10.47
CA THR B 5 -1.20 5.20 -11.01
C THR B 5 -2.06 4.68 -9.85
N SER B 6 -3.13 4.00 -10.15
CA SER B 6 -4.01 3.47 -9.07
C SER B 6 -3.20 2.63 -8.09
N ARG B 7 -2.03 2.20 -8.47
CA ARG B 7 -1.19 1.39 -7.54
C ARG B 7 -0.36 2.31 -6.63
N ASP B 8 0.20 3.35 -7.18
CA ASP B 8 1.02 4.28 -6.34
C ASP B 8 0.20 4.78 -5.14
N ARG B 9 -0.72 5.68 -5.36
CA ARG B 9 -1.54 6.20 -4.24
C ARG B 9 -1.95 5.05 -3.31
N ARG B 10 -2.49 4.00 -3.84
CA ARG B 10 -2.91 2.86 -2.99
C ARG B 10 -1.69 2.19 -2.35
N ARG B 11 -0.57 2.20 -3.04
CA ARG B 11 0.65 1.57 -2.47
C ARG B 11 0.96 2.15 -1.09
N ILE B 12 0.94 3.44 -0.96
CA ILE B 12 1.23 4.05 0.37
C ILE B 12 0.06 3.80 1.32
N ALA B 13 -1.15 3.94 0.85
CA ALA B 13 -2.32 3.70 1.75
C ALA B 13 -2.08 2.43 2.56
N ARG B 14 -1.61 1.38 1.92
CA ARG B 14 -1.34 0.12 2.67
C ARG B 14 -0.52 0.45 3.91
N TRP B 15 0.27 1.49 3.85
CA TRP B 15 1.09 1.88 5.03
C TRP B 15 0.18 2.07 6.24
N GLU B 16 -1.02 2.49 6.00
CA GLU B 16 -1.98 2.70 7.13
C GLU B 16 -3.00 1.57 7.17
N LYS B 17 -3.15 0.84 6.09
CA LYS B 17 -4.11 -0.29 6.08
C LYS B 17 -3.40 -1.58 6.47
N ARG B 18 -2.10 -1.62 6.32
CA ARG B 18 -1.34 -2.84 6.69
C ARG B 18 -0.96 -2.79 8.17
N ILE B 19 -0.41 -1.69 8.62
CA ILE B 19 -0.03 -1.58 10.05
C ILE B 19 -1.14 -2.15 10.94
N ALA B 20 -2.31 -1.60 10.85
CA ALA B 20 -3.45 -2.11 11.69
C ALA B 20 -3.44 -3.64 11.71
N TYR B 21 -3.30 -4.26 10.57
CA TYR B 21 -3.28 -5.76 10.54
C TYR B 21 -1.95 -6.28 11.06
N ALA B 22 -0.86 -5.98 10.39
CA ALA B 22 0.46 -6.46 10.85
C ALA B 22 0.73 -6.01 12.29
N LEU B 23 -0.02 -5.06 12.77
CA LEU B 23 0.19 -4.57 14.17
C LEU B 23 -0.86 -5.19 15.10
N LYS B 24 -2.08 -5.28 14.66
CA LYS B 24 -3.15 -5.87 15.51
C LYS B 24 -3.03 -7.39 15.54
N ASN B 25 -2.24 -7.95 14.67
CA ASN B 25 -2.08 -9.44 14.64
C ASN B 25 -0.79 -9.84 15.35
N GLY B 26 0.04 -8.90 15.69
CA GLY B 26 1.32 -9.24 16.38
C GLY B 26 2.28 -9.93 15.40
N ASP B 1 6.36 5.34 -19.08
CA ASP B 1 7.80 5.59 -18.81
C ASP B 1 8.00 6.04 -17.36
N ARG B 2 7.00 6.62 -16.76
CA ARG B 2 7.13 7.07 -15.35
C ARG B 2 7.31 5.87 -14.41
N GLY B 3 6.75 4.75 -14.78
CA GLY B 3 6.89 3.53 -13.93
C GLY B 3 5.86 3.59 -12.78
N LEU B 4 5.17 4.69 -12.65
CA LEU B 4 4.15 4.80 -11.56
C LEU B 4 2.75 4.52 -12.12
N THR B 5 2.10 3.51 -11.61
CA THR B 5 0.73 3.19 -12.10
C THR B 5 -0.31 3.49 -11.02
N SER B 6 -1.57 3.50 -11.37
CA SER B 6 -2.62 3.77 -10.36
C SER B 6 -2.45 2.85 -9.14
N ARG B 7 -1.87 1.70 -9.34
CA ARG B 7 -1.67 0.76 -8.21
C ARG B 7 -0.57 1.28 -7.28
N ASP B 8 0.48 1.82 -7.83
CA ASP B 8 1.58 2.35 -6.98
C ASP B 8 1.06 3.42 -6.02
N ARG B 9 0.39 4.42 -6.54
CA ARG B 9 -0.15 5.50 -5.66
C ARG B 9 -1.07 4.88 -4.59
N ARG B 10 -2.06 4.16 -5.00
CA ARG B 10 -3.00 3.54 -4.01
C ARG B 10 -2.28 2.45 -3.22
N ARG B 11 -1.17 1.96 -3.73
CA ARG B 11 -0.43 0.89 -3.00
C ARG B 11 0.22 1.47 -1.73
N ILE B 12 0.58 2.72 -1.75
CA ILE B 12 1.22 3.31 -0.55
C ILE B 12 0.18 3.47 0.58
N ALA B 13 -1.00 3.92 0.25
CA ALA B 13 -2.04 4.08 1.30
C ALA B 13 -2.05 2.84 2.20
N ARG B 14 -1.81 1.69 1.62
CA ARG B 14 -1.79 0.45 2.44
C ARG B 14 -0.68 0.55 3.48
N TRP B 15 0.37 1.28 3.17
CA TRP B 15 1.48 1.45 4.15
C TRP B 15 0.92 1.95 5.47
N GLU B 16 -0.25 2.53 5.43
CA GLU B 16 -0.88 3.05 6.67
C GLU B 16 -2.12 2.22 7.02
N LYS B 17 -2.66 1.52 6.07
CA LYS B 17 -3.85 0.68 6.34
C LYS B 17 -3.41 -0.76 6.56
N ARG B 18 -2.20 -1.07 6.22
CA ARG B 18 -1.69 -2.46 6.42
C ARG B 18 -0.95 -2.56 7.75
N ILE B 19 -0.19 -1.55 8.09
CA ILE B 19 0.54 -1.59 9.39
C ILE B 19 -0.39 -2.10 10.49
N ALA B 20 -1.61 -1.62 10.52
CA ALA B 20 -2.57 -2.08 11.56
C ALA B 20 -2.64 -3.61 11.56
N TYR B 21 -2.88 -4.20 10.42
CA TYR B 21 -2.96 -5.70 10.36
C TYR B 21 -1.63 -6.30 10.80
N ALA B 22 -0.55 -5.98 10.13
CA ALA B 22 0.78 -6.54 10.50
C ALA B 22 1.14 -6.13 11.94
N LEU B 23 0.62 -5.02 12.39
CA LEU B 23 0.92 -4.57 13.78
C LEU B 23 -0.09 -5.15 14.76
N LYS B 24 -1.25 -5.52 14.28
CA LYS B 24 -2.28 -6.10 15.17
C LYS B 24 -2.18 -7.63 15.20
N ASN B 25 -1.40 -8.19 14.30
CA ASN B 25 -1.25 -9.67 14.27
C ASN B 25 0.21 -10.06 14.45
N GLY B 26 0.50 -10.92 15.40
CA GLY B 26 1.90 -11.33 15.64
C GLY B 26 2.18 -11.39 17.14
N ASP B 1 9.43 7.21 -17.73
CA ASP B 1 8.26 7.94 -17.19
C ASP B 1 8.32 7.96 -15.66
N ARG B 2 7.25 8.32 -15.01
CA ARG B 2 7.23 8.36 -13.53
C ARG B 2 7.44 6.96 -12.96
N GLY B 3 7.15 5.94 -13.73
CA GLY B 3 7.32 4.55 -13.24
C GLY B 3 6.29 4.27 -12.14
N LEU B 4 5.35 5.14 -11.95
CA LEU B 4 4.32 4.91 -10.90
C LEU B 4 2.92 4.90 -11.52
N THR B 5 2.23 3.79 -11.42
CA THR B 5 0.86 3.72 -12.01
C THR B 5 -0.19 3.76 -10.90
N SER B 6 -1.44 3.89 -11.25
CA SER B 6 -2.51 3.93 -10.22
C SER B 6 -2.36 2.78 -9.24
N ARG B 7 -1.92 1.64 -9.72
CA ARG B 7 -1.74 0.47 -8.81
C ARG B 7 -0.59 0.72 -7.83
N ASP B 8 0.41 1.45 -8.25
CA ASP B 8 1.56 1.73 -7.35
C ASP B 8 1.19 2.81 -6.33
N ARG B 9 0.58 3.87 -6.78
CA ARG B 9 0.19 4.96 -5.83
C ARG B 9 -0.72 4.40 -4.74
N ARG B 10 -1.81 3.80 -5.11
CA ARG B 10 -2.74 3.23 -4.09
C ARG B 10 -2.03 2.15 -3.27
N ARG B 11 -0.92 1.66 -3.76
CA ARG B 11 -0.18 0.59 -3.01
C ARG B 11 0.47 1.19 -1.76
N ILE B 12 0.97 2.39 -1.86
CA ILE B 12 1.62 3.02 -0.67
C ILE B 12 0.59 3.26 0.43
N ALA B 13 -0.57 3.76 0.09
CA ALA B 13 -1.60 4.01 1.13
C ALA B 13 -1.67 2.80 2.08
N ARG B 14 -1.55 1.62 1.55
CA ARG B 14 -1.58 0.42 2.42
C ARG B 14 -0.48 0.53 3.48
N TRP B 15 0.59 1.19 3.16
CA TRP B 15 1.69 1.37 4.14
C TRP B 15 1.13 1.96 5.44
N GLU B 16 -0.02 2.56 5.36
CA GLU B 16 -0.63 3.17 6.57
C GLU B 16 -1.92 2.44 6.94
N LYS B 17 -2.47 1.69 6.03
CA LYS B 17 -3.72 0.94 6.34
C LYS B 17 -3.38 -0.53 6.60
N ARG B 18 -2.21 -0.95 6.19
CA ARG B 18 -1.80 -2.36 6.43
C ARG B 18 -1.03 -2.46 7.74
N ILE B 19 -0.22 -1.48 8.04
CA ILE B 19 0.55 -1.52 9.32
C ILE B 19 -0.38 -1.96 10.45
N ALA B 20 -1.56 -1.43 10.50
CA ALA B 20 -2.53 -1.82 11.57
C ALA B 20 -2.73 -3.33 11.54
N TYR B 21 -2.88 -3.91 10.39
CA TYR B 21 -3.06 -5.38 10.30
C TYR B 21 -1.78 -6.11 10.73
N ALA B 22 -0.68 -5.80 10.09
CA ALA B 22 0.60 -6.47 10.46
C ALA B 22 1.04 -6.05 11.87
N LEU B 23 0.56 -4.93 12.35
CA LEU B 23 0.96 -4.48 13.71
C LEU B 23 -0.04 -4.99 14.74
N LYS B 24 -1.26 -5.17 14.36
CA LYS B 24 -2.28 -5.68 15.33
C LYS B 24 -2.29 -7.21 15.34
N ASN B 25 -1.70 -7.82 14.35
CA ASN B 25 -1.69 -9.32 14.30
C ASN B 25 -0.27 -9.82 14.57
N GLY B 26 0.69 -8.94 14.65
CA GLY B 26 2.09 -9.39 14.90
C GLY B 26 2.88 -9.37 13.59
N ASP B 1 2.54 10.82 -12.02
CA ASP B 1 2.74 11.21 -13.46
C ASP B 1 2.64 9.97 -14.35
N ARG B 2 3.19 10.04 -15.52
CA ARG B 2 3.14 8.87 -16.45
C ARG B 2 3.86 7.67 -15.83
N GLY B 3 4.77 7.92 -14.92
CA GLY B 3 5.52 6.80 -14.28
C GLY B 3 4.68 6.25 -13.12
N LEU B 4 3.79 7.03 -12.58
CA LEU B 4 2.96 6.55 -11.44
C LEU B 4 1.66 5.95 -11.95
N THR B 5 1.45 4.68 -11.74
CA THR B 5 0.20 4.03 -12.22
C THR B 5 -0.82 3.96 -11.09
N SER B 6 -1.95 3.33 -11.33
CA SER B 6 -2.99 3.22 -10.27
C SER B 6 -2.46 2.41 -9.09
N ARG B 7 -1.61 1.45 -9.35
CA ARG B 7 -1.07 0.62 -8.25
C ARG B 7 -0.14 1.46 -7.35
N ASP B 8 0.69 2.26 -7.94
CA ASP B 8 1.62 3.10 -7.13
C ASP B 8 0.82 3.97 -6.16
N ARG B 9 0.02 4.88 -6.66
CA ARG B 9 -0.77 5.76 -5.75
C ARG B 9 -1.61 4.91 -4.80
N ARG B 10 -2.26 3.90 -5.30
CA ARG B 10 -3.10 3.04 -4.41
C ARG B 10 -2.19 2.16 -3.53
N ARG B 11 -0.96 1.98 -3.92
CA ARG B 11 -0.03 1.14 -3.11
C ARG B 11 0.36 1.86 -1.82
N ILE B 12 0.62 3.14 -1.90
CA ILE B 12 1.03 3.88 -0.66
C ILE B 12 -0.14 3.95 0.32
N ALA B 13 -1.33 4.21 -0.15
CA ALA B 13 -2.48 4.28 0.79
C ALA B 13 -2.43 3.09 1.75
N ARG B 14 -1.98 1.96 1.28
CA ARG B 14 -1.89 0.77 2.17
C ARG B 14 -0.83 1.03 3.25
N TRP B 15 0.15 1.83 2.94
CA TRP B 15 1.20 2.15 3.95
C TRP B 15 0.54 2.66 5.22
N GLU B 16 -0.66 3.13 5.11
CA GLU B 16 -1.37 3.67 6.30
C GLU B 16 -2.57 2.78 6.66
N LYS B 17 -3.05 2.01 5.71
CA LYS B 17 -4.20 1.11 6.01
C LYS B 17 -3.68 -0.31 6.24
N ARG B 18 -2.44 -0.55 5.89
CA ARG B 18 -1.86 -1.91 6.10
C ARG B 18 -1.13 -1.96 7.44
N ILE B 19 -0.43 -0.90 7.79
CA ILE B 19 0.29 -0.89 9.09
C ILE B 19 -0.61 -1.46 10.18
N ALA B 20 -1.84 -1.02 10.23
CA ALA B 20 -2.78 -1.55 11.26
C ALA B 20 -2.77 -3.08 11.25
N TYR B 21 -2.87 -3.68 10.09
CA TYR B 21 -2.87 -5.16 10.01
C TYR B 21 -1.48 -5.70 10.34
N ALA B 22 -0.48 -5.31 9.60
CA ALA B 22 0.90 -5.80 9.87
C ALA B 22 1.35 -5.41 11.28
N LEU B 23 0.76 -4.38 11.84
CA LEU B 23 1.16 -3.97 13.21
C LEU B 23 0.27 -4.66 14.25
N LYS B 24 -0.86 -5.16 13.84
CA LYS B 24 -1.77 -5.85 14.80
C LYS B 24 -1.58 -7.37 14.73
N ASN B 25 -0.80 -7.83 13.79
CA ASN B 25 -0.58 -9.30 13.66
C ASN B 25 0.92 -9.62 13.71
N GLY B 26 1.37 -10.24 14.76
CA GLY B 26 2.81 -10.57 14.87
C GLY B 26 3.32 -11.13 13.54
N ASP B 1 8.93 -4.21 -16.48
CA ASP B 1 7.56 -3.63 -16.48
C ASP B 1 7.43 -2.61 -17.62
N ARG B 2 6.57 -2.87 -18.56
CA ARG B 2 6.39 -1.92 -19.69
C ARG B 2 5.98 -0.55 -19.17
N GLY B 3 5.45 -0.48 -17.98
CA GLY B 3 5.04 0.84 -17.42
C GLY B 3 4.29 0.61 -16.10
N LEU B 4 3.65 1.63 -15.59
CA LEU B 4 2.90 1.48 -14.31
C LEU B 4 1.39 1.59 -14.57
N THR B 5 0.63 0.67 -14.08
CA THR B 5 -0.84 0.71 -14.29
C THR B 5 -1.55 1.18 -13.01
N SER B 6 -2.83 1.45 -13.09
CA SER B 6 -3.57 1.89 -11.88
C SER B 6 -3.22 1.00 -10.68
N ARG B 7 -3.16 -0.29 -10.90
CA ARG B 7 -2.82 -1.21 -9.77
C ARG B 7 -1.48 -0.82 -9.14
N ASP B 8 -0.51 -0.53 -9.96
CA ASP B 8 0.83 -0.14 -9.42
C ASP B 8 0.69 1.05 -8.46
N ARG B 9 0.28 2.18 -8.96
CA ARG B 9 0.12 3.37 -8.08
C ARG B 9 -0.78 3.03 -6.90
N ARG B 10 -1.87 2.36 -7.13
CA ARG B 10 -2.78 1.99 -6.01
C ARG B 10 -2.15 0.90 -5.15
N ARG B 11 -1.18 0.19 -5.68
CA ARG B 11 -0.53 -0.88 -4.88
C ARG B 11 0.32 -0.28 -3.76
N ILE B 12 1.06 0.75 -4.03
CA ILE B 12 1.90 1.36 -2.97
C ILE B 12 1.03 1.89 -1.83
N ALA B 13 -0.08 2.51 -2.15
CA ALA B 13 -0.96 3.03 -1.05
C ALA B 13 -1.13 1.95 0.01
N ARG B 14 -1.10 0.71 -0.39
CA ARG B 14 -1.24 -0.40 0.60
C ARG B 14 -0.03 -0.37 1.54
N TRP B 15 1.11 0.06 1.03
CA TRP B 15 2.32 0.13 1.90
C TRP B 15 1.97 0.88 3.18
N GLU B 16 0.96 1.69 3.14
CA GLU B 16 0.55 2.46 4.33
C GLU B 16 -0.74 1.88 4.92
N LYS B 17 -1.45 1.09 4.15
CA LYS B 17 -2.70 0.47 4.67
C LYS B 17 -2.41 -0.97 5.09
N ARG B 18 -1.29 -1.50 4.69
CA ARG B 18 -0.93 -2.89 5.07
C ARG B 18 -0.17 -2.89 6.39
N ILE B 19 0.70 -1.94 6.57
CA ILE B 19 1.47 -1.87 7.85
C ILE B 19 0.52 -2.02 9.03
N ALA B 20 -0.55 -1.27 9.05
CA ALA B 20 -1.52 -1.38 10.18
C ALA B 20 -1.86 -2.85 10.45
N TYR B 21 -2.13 -3.60 9.43
CA TYR B 21 -2.46 -5.04 9.63
C TYR B 21 -1.22 -5.80 10.12
N ALA B 22 -0.17 -5.79 9.34
CA ALA B 22 1.07 -6.51 9.75
C ALA B 22 1.66 -5.88 11.02
N LEU B 23 1.22 -4.70 11.37
CA LEU B 23 1.75 -4.04 12.59
C LEU B 23 0.80 -4.29 13.78
N LYS B 24 -0.48 -4.25 13.54
CA LYS B 24 -1.45 -4.48 14.64
C LYS B 24 -1.59 -5.99 14.91
N ASN B 25 -1.20 -6.80 13.96
CA ASN B 25 -1.32 -8.28 14.16
C ASN B 25 0.07 -8.89 14.36
N GLY B 26 0.29 -9.56 15.46
CA GLY B 26 1.62 -10.17 15.71
C GLY B 26 1.43 -11.50 16.44
N ASP B 1 -1.66 -7.08 -17.98
CA ASP B 1 -0.71 -6.65 -16.93
C ASP B 1 0.59 -6.15 -17.57
N ARG B 2 0.49 -5.42 -18.65
CA ARG B 2 1.71 -4.90 -19.33
C ARG B 2 1.81 -3.38 -19.15
N GLY B 3 3.00 -2.88 -18.97
CA GLY B 3 3.16 -1.40 -18.80
C GLY B 3 2.68 -0.99 -17.41
N LEU B 4 2.50 0.28 -17.18
CA LEU B 4 2.04 0.74 -15.84
C LEU B 4 0.52 0.95 -15.84
N THR B 5 -0.17 0.39 -14.89
CA THR B 5 -1.66 0.56 -14.84
C THR B 5 -2.08 1.03 -13.45
N SER B 6 -3.31 1.43 -13.29
CA SER B 6 -3.77 1.89 -11.94
C SER B 6 -3.26 0.95 -10.87
N ARG B 7 -3.28 -0.33 -11.13
CA ARG B 7 -2.79 -1.31 -10.10
C ARG B 7 -1.36 -0.95 -9.70
N ASP B 8 -0.57 -0.47 -10.62
CA ASP B 8 0.83 -0.09 -10.29
C ASP B 8 0.84 0.93 -9.15
N ARG B 9 0.38 2.12 -9.39
CA ARG B 9 0.35 3.14 -8.30
C ARG B 9 -0.25 2.53 -7.04
N ARG B 10 -1.45 2.03 -7.12
CA ARG B 10 -2.08 1.41 -5.93
C ARG B 10 -1.15 0.34 -5.36
N ARG B 11 -0.34 -0.26 -6.19
CA ARG B 11 0.61 -1.30 -5.69
C ARG B 11 1.45 -0.72 -4.54
N ILE B 12 2.14 0.36 -4.78
CA ILE B 12 2.96 0.97 -3.71
C ILE B 12 2.05 1.42 -2.57
N ALA B 13 0.91 1.96 -2.88
CA ALA B 13 -0.02 2.39 -1.80
C ALA B 13 -0.12 1.28 -0.77
N ARG B 14 0.02 0.05 -1.19
CA ARG B 14 -0.04 -1.08 -0.24
C ARG B 14 1.06 -0.89 0.81
N TRP B 15 2.17 -0.33 0.41
CA TRP B 15 3.28 -0.07 1.35
C TRP B 15 2.75 0.66 2.58
N GLU B 16 1.64 1.32 2.43
CA GLU B 16 1.06 2.06 3.58
C GLU B 16 -0.20 1.36 4.08
N LYS B 17 -0.96 0.76 3.19
CA LYS B 17 -2.19 0.04 3.62
C LYS B 17 -1.81 -1.33 4.17
N ARG B 18 -0.64 -1.81 3.82
CA ARG B 18 -0.20 -3.14 4.32
C ARG B 18 0.45 -2.98 5.70
N ILE B 19 1.36 -2.06 5.83
CA ILE B 19 2.02 -1.86 7.15
C ILE B 19 0.99 -1.91 8.28
N ALA B 20 -0.06 -1.14 8.15
CA ALA B 20 -1.12 -1.14 9.22
C ALA B 20 -1.41 -2.57 9.67
N TYR B 21 -1.89 -3.41 8.79
CA TYR B 21 -2.20 -4.81 9.19
C TYR B 21 -0.95 -5.51 9.71
N ALA B 22 0.05 -5.65 8.88
CA ALA B 22 1.31 -6.33 9.31
C ALA B 22 1.89 -5.63 10.55
N LEU B 23 1.46 -4.44 10.83
CA LEU B 23 2.00 -3.71 12.02
C LEU B 23 1.02 -3.83 13.20
N LYS B 24 -0.25 -3.82 12.93
CA LYS B 24 -1.25 -3.92 14.03
C LYS B 24 -1.49 -5.40 14.38
N ASN B 25 -0.97 -6.29 13.60
CA ASN B 25 -1.16 -7.75 13.90
C ASN B 25 0.19 -8.41 14.19
N GLY B 26 0.38 -8.90 15.37
CA GLY B 26 1.67 -9.56 15.71
C GLY B 26 1.81 -10.87 14.92
N ASP B 1 4.10 8.46 -20.91
CA ASP B 1 4.36 7.20 -20.14
C ASP B 1 4.71 7.53 -18.70
N ARG B 2 4.00 6.98 -17.75
CA ARG B 2 4.29 7.26 -16.32
C ARG B 2 4.97 6.05 -15.68
N GLY B 3 6.14 6.22 -15.15
CA GLY B 3 6.85 5.09 -14.50
C GLY B 3 5.96 4.48 -13.42
N LEU B 4 5.10 5.26 -12.82
CA LEU B 4 4.20 4.73 -11.76
C LEU B 4 2.76 4.66 -12.29
N THR B 5 2.02 3.68 -11.88
CA THR B 5 0.61 3.56 -12.35
C THR B 5 -0.36 3.90 -11.21
N SER B 6 -1.62 3.64 -11.41
CA SER B 6 -2.62 3.95 -10.34
C SER B 6 -2.34 3.09 -9.10
N ARG B 7 -1.74 1.95 -9.27
CA ARG B 7 -1.44 1.08 -8.10
C ARG B 7 -0.50 1.80 -7.13
N ASP B 8 0.49 2.47 -7.64
CA ASP B 8 1.44 3.19 -6.74
C ASP B 8 0.68 4.16 -5.83
N ARG B 9 -0.08 5.05 -6.40
CA ARG B 9 -0.84 6.02 -5.55
C ARG B 9 -1.62 5.26 -4.47
N ARG B 10 -2.49 4.38 -4.86
CA ARG B 10 -3.27 3.61 -3.84
C ARG B 10 -2.34 2.70 -3.04
N ARG B 11 -1.30 2.21 -3.65
CA ARG B 11 -0.36 1.33 -2.91
C ARG B 11 0.09 2.01 -1.61
N ILE B 12 0.09 3.31 -1.59
CA ILE B 12 0.51 4.03 -0.34
C ILE B 12 -0.62 4.00 0.68
N ALA B 13 -1.84 4.25 0.26
CA ALA B 13 -2.97 4.23 1.23
C ALA B 13 -2.86 2.96 2.07
N ARG B 14 -2.33 1.92 1.51
CA ARG B 14 -2.17 0.65 2.28
C ARG B 14 -1.16 0.88 3.41
N TRP B 15 -0.25 1.79 3.21
CA TRP B 15 0.75 2.10 4.26
C TRP B 15 0.03 2.43 5.57
N GLU B 16 -1.22 2.80 5.46
CA GLU B 16 -2.00 3.15 6.66
C GLU B 16 -3.08 2.09 6.91
N LYS B 17 -3.35 1.28 5.93
CA LYS B 17 -4.37 0.21 6.10
C LYS B 17 -3.68 -1.11 6.44
N ARG B 18 -2.41 -1.24 6.12
CA ARG B 18 -1.68 -2.49 6.43
C ARG B 18 -1.10 -2.42 7.84
N ILE B 19 -0.56 -1.30 8.22
CA ILE B 19 0.02 -1.16 9.58
C ILE B 19 -0.92 -1.79 10.60
N ALA B 20 -2.16 -1.39 10.60
CA ALA B 20 -3.13 -1.96 11.59
C ALA B 20 -3.04 -3.49 11.59
N TYR B 21 -3.14 -4.10 10.44
CA TYR B 21 -3.06 -5.59 10.38
C TYR B 21 -1.67 -6.06 10.84
N ALA B 22 -0.64 -5.66 10.14
CA ALA B 22 0.73 -6.08 10.53
C ALA B 22 1.04 -5.65 11.97
N LEU B 23 0.39 -4.61 12.44
CA LEU B 23 0.64 -4.14 13.83
C LEU B 23 -0.34 -4.80 14.79
N LYS B 24 -1.48 -5.21 14.31
CA LYS B 24 -2.47 -5.87 15.20
C LYS B 24 -2.27 -7.39 15.19
N ASN B 25 -1.55 -7.89 14.23
CA ASN B 25 -1.31 -9.36 14.18
C ASN B 25 0.20 -9.66 14.27
N GLY B 26 0.60 -10.39 15.28
CA GLY B 26 2.04 -10.72 15.42
C GLY B 26 2.21 -12.20 15.72
N ASP B 1 1.14 12.43 -9.54
CA ASP B 1 2.02 12.42 -10.73
C ASP B 1 1.42 11.53 -11.83
N ARG B 2 1.41 11.98 -13.05
CA ARG B 2 0.84 11.16 -14.15
C ARG B 2 1.65 9.87 -14.32
N GLY B 3 2.87 9.85 -13.86
CA GLY B 3 3.70 8.63 -13.99
C GLY B 3 3.17 7.54 -13.04
N LEU B 4 2.51 7.95 -11.98
CA LEU B 4 1.97 6.94 -11.03
C LEU B 4 0.68 6.33 -11.58
N THR B 5 0.29 5.20 -11.08
CA THR B 5 -0.97 4.55 -11.58
C THR B 5 -1.89 4.21 -10.40
N SER B 6 -2.99 3.57 -10.67
CA SER B 6 -3.94 3.22 -9.58
C SER B 6 -3.25 2.32 -8.55
N ARG B 7 -2.25 1.59 -8.96
CA ARG B 7 -1.54 0.69 -8.01
C ARG B 7 -0.59 1.50 -7.12
N ASP B 8 0.12 2.44 -7.69
CA ASP B 8 1.06 3.26 -6.89
C ASP B 8 0.29 4.15 -5.89
N ARG B 9 -0.41 5.13 -6.38
CA ARG B 9 -1.19 6.02 -5.47
C ARG B 9 -1.90 5.20 -4.39
N ARG B 10 -2.56 4.15 -4.78
CA ARG B 10 -3.27 3.31 -3.77
C ARG B 10 -2.26 2.54 -2.92
N ARG B 11 -1.22 2.02 -3.53
CA ARG B 11 -0.21 1.26 -2.75
C ARG B 11 0.12 2.00 -1.46
N ILE B 12 0.02 3.31 -1.46
CA ILE B 12 0.34 4.07 -0.22
C ILE B 12 -0.83 4.01 0.75
N ALA B 13 -2.03 4.20 0.27
CA ALA B 13 -3.21 4.14 1.19
C ALA B 13 -3.08 2.90 2.07
N ARG B 14 -2.44 1.88 1.56
CA ARG B 14 -2.25 0.64 2.36
C ARG B 14 -1.25 0.92 3.48
N TRP B 15 -0.33 1.81 3.23
CA TRP B 15 0.67 2.17 4.28
C TRP B 15 -0.07 2.52 5.57
N GLU B 16 -1.30 2.89 5.46
CA GLU B 16 -2.10 3.26 6.65
C GLU B 16 -3.17 2.21 6.91
N LYS B 17 -3.53 1.45 5.90
CA LYS B 17 -4.55 0.38 6.09
C LYS B 17 -3.84 -0.94 6.37
N ARG B 18 -2.55 -0.99 6.18
CA ARG B 18 -1.80 -2.25 6.42
C ARG B 18 -1.19 -2.23 7.83
N ILE B 19 -0.60 -1.13 8.21
CA ILE B 19 0.01 -1.05 9.57
C ILE B 19 -0.94 -1.65 10.60
N ALA B 20 -2.18 -1.26 10.58
CA ALA B 20 -3.16 -1.82 11.55
C ALA B 20 -3.07 -3.35 11.57
N TYR B 21 -3.18 -3.96 10.42
CA TYR B 21 -3.10 -5.46 10.36
C TYR B 21 -1.71 -5.92 10.80
N ALA B 22 -0.69 -5.47 10.14
CA ALA B 22 0.69 -5.89 10.51
C ALA B 22 1.01 -5.46 11.94
N LEU B 23 0.33 -4.48 12.45
CA LEU B 23 0.59 -4.01 13.84
C LEU B 23 -0.35 -4.71 14.82
N LYS B 24 -1.57 -4.96 14.40
CA LYS B 24 -2.54 -5.65 15.30
C LYS B 24 -2.26 -7.16 15.31
N ASN B 25 -1.71 -7.68 14.26
CA ASN B 25 -1.41 -9.14 14.20
C ASN B 25 0.09 -9.38 14.38
N GLY B 26 0.45 -10.23 15.31
CA GLY B 26 1.90 -10.51 15.53
C GLY B 26 2.08 -11.97 15.96
N ASP B 1 7.97 0.01 -20.07
CA ASP B 1 7.20 0.33 -21.30
C ASP B 1 5.73 0.52 -20.96
N ARG B 2 5.13 -0.44 -20.31
CA ARG B 2 3.69 -0.32 -19.96
C ARG B 2 3.49 0.81 -18.93
N GLY B 3 4.53 1.16 -18.22
CA GLY B 3 4.41 2.24 -17.21
C GLY B 3 3.80 1.68 -15.93
N LEU B 4 3.32 2.53 -15.06
CA LEU B 4 2.73 2.03 -13.79
C LEU B 4 1.20 2.16 -13.83
N THR B 5 0.49 1.10 -13.57
CA THR B 5 -0.99 1.16 -13.59
C THR B 5 -1.53 1.77 -12.29
N SER B 6 -2.81 1.96 -12.20
CA SER B 6 -3.39 2.56 -10.96
C SER B 6 -3.04 1.68 -9.75
N ARG B 7 -2.76 0.42 -9.98
CA ARG B 7 -2.42 -0.48 -8.85
C ARG B 7 -1.14 0.01 -8.17
N ASP B 8 -0.19 0.48 -8.93
CA ASP B 8 1.09 0.97 -8.32
C ASP B 8 0.79 2.02 -7.24
N ARG B 9 0.18 3.11 -7.63
CA ARG B 9 -0.14 4.17 -6.63
C ARG B 9 -0.86 3.56 -5.42
N ARG B 10 -1.90 2.82 -5.64
CA ARG B 10 -2.62 2.19 -4.50
C ARG B 10 -1.73 1.14 -3.84
N ARG B 11 -0.91 0.48 -4.60
CA ARG B 11 -0.01 -0.55 -4.00
C ARG B 11 0.70 0.04 -2.78
N ILE B 12 1.12 1.28 -2.86
CA ILE B 12 1.81 1.90 -1.70
C ILE B 12 0.80 2.25 -0.62
N ALA B 13 -0.34 2.78 -0.98
CA ALA B 13 -1.37 3.11 0.05
C ALA B 13 -1.51 1.93 1.00
N ARG B 14 -1.26 0.74 0.51
CA ARG B 14 -1.37 -0.46 1.38
C ARG B 14 -0.30 -0.36 2.47
N TRP B 15 0.80 0.26 2.17
CA TRP B 15 1.88 0.44 3.17
C TRP B 15 1.27 1.01 4.45
N GLU B 16 0.15 1.66 4.31
CA GLU B 16 -0.52 2.27 5.49
C GLU B 16 -1.74 1.42 5.89
N LYS B 17 -2.18 0.55 5.02
CA LYS B 17 -3.35 -0.31 5.36
C LYS B 17 -2.85 -1.64 5.92
N ARG B 18 -1.70 -2.08 5.47
CA ARG B 18 -1.14 -3.37 5.99
C ARG B 18 -0.59 -3.15 7.40
N ILE B 19 0.17 -2.11 7.60
CA ILE B 19 0.73 -1.85 8.96
C ILE B 19 -0.33 -2.08 10.03
N ALA B 20 -1.43 -1.38 9.95
CA ALA B 20 -2.51 -1.56 10.96
C ALA B 20 -2.77 -3.05 11.15
N TYR B 21 -2.83 -3.80 10.08
CA TYR B 21 -3.08 -5.27 10.22
C TYR B 21 -1.86 -5.95 10.83
N ALA B 22 -0.75 -5.92 10.15
CA ALA B 22 0.48 -6.57 10.70
C ALA B 22 0.83 -5.96 12.06
N LEU B 23 0.32 -4.79 12.34
CA LEU B 23 0.62 -4.15 13.64
C LEU B 23 -0.47 -4.48 14.66
N LYS B 24 -1.67 -4.72 14.20
CA LYS B 24 -2.77 -5.07 15.15
C LYS B 24 -2.92 -6.58 15.27
N ASN B 25 -2.23 -7.32 14.44
CA ASN B 25 -2.32 -8.81 14.50
C ASN B 25 -0.93 -9.42 14.69
N GLY B 26 -0.82 -10.42 15.51
CA GLY B 26 0.51 -11.06 15.74
C GLY B 26 0.57 -11.60 17.16
N ASP B 1 4.77 -1.29 -24.05
CA ASP B 1 5.28 -0.46 -22.92
C ASP B 1 4.13 -0.04 -22.01
N ARG B 2 3.62 -0.94 -21.21
CA ARG B 2 2.50 -0.60 -20.30
C ARG B 2 2.99 0.31 -19.17
N GLY B 3 4.27 0.35 -18.95
CA GLY B 3 4.82 1.21 -17.87
C GLY B 3 4.00 1.01 -16.59
N LEU B 4 3.90 2.02 -15.78
CA LEU B 4 3.10 1.90 -14.52
C LEU B 4 1.61 1.92 -14.83
N THR B 5 0.84 1.10 -14.15
CA THR B 5 -0.62 1.07 -14.41
C THR B 5 -1.40 1.39 -13.13
N SER B 6 -2.69 1.53 -13.23
CA SER B 6 -3.50 1.85 -12.01
C SER B 6 -3.04 0.96 -10.84
N ARG B 7 -2.82 -0.30 -11.09
CA ARG B 7 -2.37 -1.20 -9.99
C ARG B 7 -1.12 -0.64 -9.31
N ASP B 8 -0.13 -0.28 -10.08
CA ASP B 8 1.12 0.28 -9.49
C ASP B 8 0.77 1.39 -8.49
N ARG B 9 0.17 2.44 -8.94
CA ARG B 9 -0.19 3.55 -8.00
C ARG B 9 -0.99 3.01 -6.82
N ARG B 10 -2.05 2.29 -7.09
CA ARG B 10 -2.87 1.74 -5.98
C ARG B 10 -2.06 0.70 -5.19
N ARG B 11 -1.00 0.18 -5.79
CA ARG B 11 -0.19 -0.84 -5.07
C ARG B 11 0.58 -0.18 -3.92
N ILE B 12 1.03 1.04 -4.10
CA ILE B 12 1.77 1.71 -3.00
C ILE B 12 0.82 2.09 -1.87
N ALA B 13 -0.33 2.61 -2.18
CA ALA B 13 -1.29 2.97 -1.11
C ALA B 13 -1.36 1.83 -0.11
N ARG B 14 -1.11 0.63 -0.56
CA ARG B 14 -1.13 -0.54 0.35
C ARG B 14 0.08 -0.45 1.28
N TRP B 15 1.19 0.03 0.78
CA TRP B 15 2.39 0.17 1.64
C TRP B 15 1.99 0.81 2.97
N GLU B 16 0.94 1.58 2.95
CA GLU B 16 0.48 2.26 4.18
C GLU B 16 -0.70 1.49 4.78
N LYS B 17 -1.55 0.94 3.95
CA LYS B 17 -2.71 0.16 4.48
C LYS B 17 -2.24 -1.23 4.89
N ARG B 18 -1.07 -1.63 4.45
CA ARG B 18 -0.54 -2.97 4.81
C ARG B 18 0.12 -2.91 6.19
N ILE B 19 0.97 -1.94 6.40
CA ILE B 19 1.65 -1.81 7.71
C ILE B 19 0.63 -1.93 8.85
N ALA B 20 -0.46 -1.21 8.76
CA ALA B 20 -1.49 -1.29 9.84
C ALA B 20 -1.78 -2.76 10.18
N TYR B 21 -2.02 -3.57 9.19
CA TYR B 21 -2.32 -5.01 9.46
C TYR B 21 -1.05 -5.73 9.92
N ALA B 22 -0.02 -5.72 9.11
CA ALA B 22 1.24 -6.40 9.49
C ALA B 22 1.80 -5.80 10.78
N LEU B 23 1.42 -4.61 11.12
CA LEU B 23 1.94 -3.98 12.37
C LEU B 23 0.94 -4.17 13.51
N LYS B 24 -0.33 -4.01 13.23
CA LYS B 24 -1.36 -4.19 14.29
C LYS B 24 -1.51 -5.67 14.65
N ASN B 25 -0.98 -6.54 13.84
CA ASN B 25 -1.10 -8.00 14.13
C ASN B 25 0.21 -8.53 14.71
N GLY B 26 1.21 -7.70 14.80
CA GLY B 26 2.51 -8.15 15.37
C GLY B 26 2.94 -9.45 14.68
N ASP B 1 0.28 7.04 -21.37
CA ASP B 1 1.25 6.01 -21.84
C ASP B 1 2.08 5.48 -20.66
N ARG B 2 2.87 6.32 -20.06
CA ARG B 2 3.70 5.87 -18.90
C ARG B 2 3.38 6.70 -17.66
N GLY B 3 3.35 6.08 -16.51
CA GLY B 3 3.03 6.83 -15.27
C GLY B 3 2.59 5.85 -14.17
N LEU B 4 1.71 6.27 -13.32
CA LEU B 4 1.25 5.37 -12.22
C LEU B 4 0.17 4.42 -12.75
N THR B 5 0.27 3.15 -12.44
CA THR B 5 -0.76 2.18 -12.93
C THR B 5 -1.92 2.11 -11.95
N SER B 6 -2.28 3.21 -11.35
CA SER B 6 -3.42 3.21 -10.38
C SER B 6 -3.06 2.39 -9.14
N ARG B 7 -2.73 1.14 -9.31
CA ARG B 7 -2.37 0.29 -8.14
C ARG B 7 -1.12 0.83 -7.47
N ASP B 8 -0.36 1.65 -8.15
CA ASP B 8 0.88 2.20 -7.55
C ASP B 8 0.53 3.19 -6.44
N ARG B 9 -0.13 4.27 -6.77
CA ARG B 9 -0.49 5.27 -5.73
C ARG B 9 -1.25 4.58 -4.59
N ARG B 10 -1.94 3.52 -4.88
CA ARG B 10 -2.70 2.80 -3.83
C ARG B 10 -1.75 1.97 -2.97
N ARG B 11 -0.67 1.51 -3.53
CA ARG B 11 0.29 0.69 -2.75
C ARG B 11 0.80 1.48 -1.54
N ILE B 12 0.89 2.77 -1.66
CA ILE B 12 1.38 3.59 -0.51
C ILE B 12 0.26 3.79 0.52
N ALA B 13 -0.91 4.18 0.09
CA ALA B 13 -2.02 4.38 1.07
C ALA B 13 -2.07 3.17 2.00
N ARG B 14 -1.75 2.01 1.49
CA ARG B 14 -1.75 0.80 2.35
C ARG B 14 -0.58 0.88 3.33
N TRP B 15 0.46 1.55 2.95
CA TRP B 15 1.62 1.71 3.87
C TRP B 15 1.12 2.24 5.21
N GLU B 16 0.00 2.89 5.19
CA GLU B 16 -0.57 3.46 6.44
C GLU B 16 -1.87 2.73 6.82
N LYS B 17 -2.32 1.84 5.98
CA LYS B 17 -3.56 1.07 6.29
C LYS B 17 -3.22 -0.41 6.43
N ARG B 18 -2.02 -0.79 6.04
CA ARG B 18 -1.61 -2.22 6.15
C ARG B 18 -0.75 -2.40 7.40
N ILE B 19 0.14 -1.48 7.66
CA ILE B 19 1.00 -1.59 8.87
C ILE B 19 0.15 -2.05 10.05
N ALA B 20 -0.99 -1.46 10.23
CA ALA B 20 -1.88 -1.87 11.36
C ALA B 20 -2.12 -3.38 11.31
N TYR B 21 -2.45 -3.89 10.15
CA TYR B 21 -2.70 -5.36 10.03
C TYR B 21 -1.41 -6.13 10.30
N ALA B 22 -0.37 -5.85 9.56
CA ALA B 22 0.92 -6.57 9.77
C ALA B 22 1.51 -6.23 11.14
N LEU B 23 1.05 -5.18 11.76
CA LEU B 23 1.60 -4.80 13.08
C LEU B 23 0.70 -5.36 14.20
N LYS B 24 -0.59 -5.30 14.01
CA LYS B 24 -1.51 -5.83 15.05
C LYS B 24 -1.50 -7.36 15.04
N ASN B 25 -1.16 -7.95 13.93
CA ASN B 25 -1.13 -9.45 13.86
C ASN B 25 0.27 -9.96 14.21
N GLY B 26 0.34 -10.91 15.10
CA GLY B 26 1.67 -11.46 15.49
C GLY B 26 1.56 -12.97 15.71
N ASP B 1 3.42 1.08 -17.08
CA ASP B 1 4.34 1.22 -18.24
C ASP B 1 5.73 1.63 -17.76
N ARG B 2 6.41 0.77 -17.06
CA ARG B 2 7.78 1.10 -16.56
C ARG B 2 7.74 2.40 -15.77
N GLY B 3 6.73 2.60 -14.97
CA GLY B 3 6.64 3.85 -14.17
C GLY B 3 5.68 3.65 -12.99
N LEU B 4 5.11 4.71 -12.49
CA LEU B 4 4.17 4.57 -11.34
C LEU B 4 2.72 4.54 -11.85
N THR B 5 2.01 3.48 -11.59
CA THR B 5 0.60 3.40 -12.05
C THR B 5 -0.37 3.56 -10.87
N SER B 6 -1.61 3.82 -11.14
CA SER B 6 -2.60 3.98 -10.03
C SER B 6 -2.36 2.92 -8.95
N ARG B 7 -2.21 1.69 -9.34
CA ARG B 7 -1.98 0.62 -8.34
C ARG B 7 -0.67 0.87 -7.57
N ASP B 8 0.25 1.57 -8.17
CA ASP B 8 1.54 1.84 -7.49
C ASP B 8 1.34 2.96 -6.45
N ARG B 9 0.85 4.09 -6.87
CA ARG B 9 0.63 5.21 -5.90
C ARG B 9 -0.43 4.81 -4.87
N ARG B 10 -1.43 4.09 -5.31
CA ARG B 10 -2.49 3.66 -4.35
C ARG B 10 -1.97 2.52 -3.46
N ARG B 11 -0.99 1.80 -3.94
CA ARG B 11 -0.43 0.69 -3.13
C ARG B 11 0.17 1.22 -1.82
N ILE B 12 0.83 2.33 -1.88
CA ILE B 12 1.43 2.90 -0.63
C ILE B 12 0.33 3.29 0.36
N ALA B 13 -0.66 4.03 -0.08
CA ALA B 13 -1.76 4.41 0.86
C ALA B 13 -2.14 3.19 1.68
N ARG B 14 -1.96 2.02 1.14
CA ARG B 14 -2.27 0.78 1.88
C ARG B 14 -1.05 0.37 2.71
N TRP B 15 0.13 0.59 2.17
CA TRP B 15 1.36 0.25 2.94
C TRP B 15 1.20 0.76 4.37
N GLU B 16 0.45 1.81 4.54
CA GLU B 16 0.23 2.37 5.89
C GLU B 16 -0.97 1.67 6.53
N LYS B 17 -1.92 1.27 5.73
CA LYS B 17 -3.10 0.56 6.29
C LYS B 17 -2.72 -0.89 6.58
N ARG B 18 -1.75 -1.41 5.89
CA ARG B 18 -1.31 -2.81 6.12
C ARG B 18 -0.57 -2.90 7.45
N ILE B 19 0.29 -1.97 7.73
CA ILE B 19 1.04 -2.01 9.01
C ILE B 19 0.07 -2.35 10.14
N ALA B 20 -1.05 -1.68 10.20
CA ALA B 20 -2.04 -1.97 11.27
C ALA B 20 -2.35 -3.47 11.28
N TYR B 21 -2.34 -4.11 10.15
CA TYR B 21 -2.63 -5.57 10.10
C TYR B 21 -1.38 -6.37 10.48
N ALA B 22 -0.30 -6.17 9.77
CA ALA B 22 0.95 -6.91 10.08
C ALA B 22 1.53 -6.46 11.43
N LEU B 23 1.16 -5.29 11.89
CA LEU B 23 1.70 -4.79 13.19
C LEU B 23 0.74 -5.16 14.32
N LYS B 24 -0.50 -5.41 14.01
CA LYS B 24 -1.49 -5.78 15.07
C LYS B 24 -1.61 -7.31 15.15
N ASN B 25 -1.04 -8.01 14.22
CA ASN B 25 -1.12 -9.49 14.24
C ASN B 25 0.20 -10.09 14.75
N GLY B 26 1.21 -9.29 14.88
CA GLY B 26 2.52 -9.81 15.36
C GLY B 26 3.01 -8.95 16.54
N ASP B 1 9.03 -5.03 -19.06
CA ASP B 1 8.74 -3.75 -19.78
C ASP B 1 7.28 -3.35 -19.56
N ARG B 2 6.91 -3.08 -18.33
CA ARG B 2 5.50 -2.67 -18.06
C ARG B 2 5.44 -1.22 -17.56
N GLY B 3 4.63 -0.40 -18.16
CA GLY B 3 4.55 1.02 -17.72
C GLY B 3 3.77 1.09 -16.40
N LEU B 4 3.57 2.28 -15.89
CA LEU B 4 2.83 2.41 -14.60
C LEU B 4 1.34 2.18 -14.83
N THR B 5 0.73 1.32 -14.05
CA THR B 5 -0.72 1.05 -14.22
C THR B 5 -1.50 1.48 -12.97
N SER B 6 -2.79 1.54 -13.05
CA SER B 6 -3.60 1.95 -11.87
C SER B 6 -3.15 1.17 -10.63
N ARG B 7 -2.73 -0.06 -10.81
CA ARG B 7 -2.28 -0.88 -9.65
C ARG B 7 -1.11 -0.20 -8.95
N ASP B 8 -0.30 0.52 -9.69
CA ASP B 8 0.87 1.20 -9.07
C ASP B 8 0.39 2.21 -8.02
N ARG B 9 -0.54 3.05 -8.37
CA ARG B 9 -1.05 4.04 -7.39
C ARG B 9 -1.66 3.32 -6.18
N ARG B 10 -2.53 2.37 -6.42
CA ARG B 10 -3.14 1.62 -5.29
C ARG B 10 -2.04 0.88 -4.52
N ARG B 11 -1.05 0.41 -5.22
CA ARG B 11 0.06 -0.32 -4.55
C ARG B 11 0.60 0.50 -3.38
N ILE B 12 0.73 1.79 -3.55
CA ILE B 12 1.26 2.63 -2.43
C ILE B 12 0.14 2.93 -1.42
N ALA B 13 -1.01 3.33 -1.88
CA ALA B 13 -2.10 3.61 -0.91
C ALA B 13 -2.20 2.43 0.06
N ARG B 14 -1.78 1.28 -0.39
CA ARG B 14 -1.79 0.08 0.49
C ARG B 14 -0.52 0.08 1.35
N TRP B 15 0.53 0.66 0.84
CA TRP B 15 1.80 0.73 1.63
C TRP B 15 1.49 1.37 2.99
N GLU B 16 0.40 2.08 3.05
CA GLU B 16 0.02 2.76 4.33
C GLU B 16 -1.17 2.02 4.95
N LYS B 17 -1.89 1.27 4.17
CA LYS B 17 -3.05 0.52 4.72
C LYS B 17 -2.62 -0.91 5.04
N ARG B 18 -1.51 -1.34 4.49
CA ARG B 18 -1.02 -2.72 4.76
C ARG B 18 -0.19 -2.73 6.04
N ILE B 19 0.69 -1.77 6.20
CA ILE B 19 1.52 -1.72 7.44
C ILE B 19 0.66 -2.01 8.66
N ALA B 20 -0.45 -1.35 8.80
CA ALA B 20 -1.33 -1.59 9.98
C ALA B 20 -1.48 -3.09 10.22
N TYR B 21 -1.98 -3.81 9.27
CA TYR B 21 -2.14 -5.29 9.44
C TYR B 21 -0.80 -5.93 9.79
N ALA B 22 0.16 -5.83 8.90
CA ALA B 22 1.49 -6.44 9.18
C ALA B 22 2.12 -5.81 10.44
N LEU B 23 1.58 -4.72 10.90
CA LEU B 23 2.14 -4.06 12.11
C LEU B 23 1.35 -4.48 13.35
N LYS B 24 0.06 -4.65 13.22
CA LYS B 24 -0.76 -5.05 14.40
C LYS B 24 -0.62 -6.56 14.64
N ASN B 25 -0.10 -7.28 13.68
CA ASN B 25 0.05 -8.76 13.86
C ASN B 25 1.40 -9.07 14.52
N GLY B 26 2.24 -8.08 14.67
CA GLY B 26 3.57 -8.34 15.30
C GLY B 26 3.45 -8.14 16.82
N ASP B 1 3.14 5.20 -21.14
CA ASP B 1 4.09 4.34 -20.38
C ASP B 1 4.57 5.06 -19.12
N ARG B 2 3.69 5.27 -18.18
CA ARG B 2 4.10 5.97 -16.92
C ARG B 2 4.80 4.99 -15.97
N GLY B 3 5.89 5.41 -15.37
CA GLY B 3 6.61 4.51 -14.44
C GLY B 3 5.73 4.24 -13.21
N LEU B 4 4.90 5.18 -12.84
CA LEU B 4 4.02 4.98 -11.66
C LEU B 4 2.55 4.92 -12.10
N THR B 5 1.97 3.75 -12.08
CA THR B 5 0.54 3.63 -12.49
C THR B 5 -0.38 3.90 -11.30
N SER B 6 -1.64 3.57 -11.43
CA SER B 6 -2.58 3.80 -10.30
C SER B 6 -2.24 2.88 -9.14
N ARG B 7 -2.02 1.62 -9.42
CA ARG B 7 -1.68 0.67 -8.32
C ARG B 7 -0.47 1.19 -7.54
N ASP B 8 0.58 1.56 -8.22
CA ASP B 8 1.79 2.08 -7.51
C ASP B 8 1.40 3.28 -6.63
N ARG B 9 0.97 4.35 -7.23
CA ARG B 9 0.59 5.55 -6.43
C ARG B 9 -0.39 5.13 -5.32
N ARG B 10 -1.38 4.34 -5.64
CA ARG B 10 -2.35 3.91 -4.60
C ARG B 10 -1.72 2.84 -3.71
N ARG B 11 -0.63 2.26 -4.14
CA ARG B 11 0.04 1.21 -3.31
C ARG B 11 0.78 1.83 -2.13
N ILE B 12 1.36 2.99 -2.32
CA ILE B 12 2.10 3.63 -1.20
C ILE B 12 1.13 4.05 -0.09
N ALA B 13 0.08 4.76 -0.43
CA ALA B 13 -0.87 5.18 0.63
C ALA B 13 -1.18 3.98 1.53
N ARG B 14 -1.20 2.81 0.96
CA ARG B 14 -1.45 1.59 1.78
C ARG B 14 -0.26 1.39 2.72
N TRP B 15 0.91 1.70 2.26
CA TRP B 15 2.14 1.55 3.10
C TRP B 15 1.88 2.16 4.48
N GLU B 16 0.95 3.07 4.57
CA GLU B 16 0.67 3.73 5.86
C GLU B 16 -0.71 3.33 6.38
N LYS B 17 -1.55 2.82 5.53
CA LYS B 17 -2.91 2.38 5.98
C LYS B 17 -3.01 0.86 5.91
N ARG B 18 -1.94 0.20 5.55
CA ARG B 18 -1.95 -1.28 5.46
C ARG B 18 -0.94 -1.86 6.45
N ILE B 19 0.20 -1.22 6.59
CA ILE B 19 1.21 -1.73 7.56
C ILE B 19 0.52 -2.00 8.89
N ALA B 20 -0.52 -1.27 9.19
CA ALA B 20 -1.24 -1.47 10.47
C ALA B 20 -1.70 -2.93 10.58
N TYR B 21 -2.08 -3.53 9.49
CA TYR B 21 -2.53 -4.95 9.53
C TYR B 21 -1.33 -5.88 9.73
N ALA B 22 -0.41 -5.88 8.80
CA ALA B 22 0.78 -6.76 8.92
C ALA B 22 1.54 -6.46 10.22
N LEU B 23 1.27 -5.33 10.83
CA LEU B 23 1.97 -4.98 12.09
C LEU B 23 1.09 -5.33 13.30
N LYS B 24 -0.17 -5.01 13.23
CA LYS B 24 -1.07 -5.33 14.38
C LYS B 24 -1.33 -6.83 14.45
N ASN B 25 -1.06 -7.55 13.39
CA ASN B 25 -1.28 -9.02 13.40
C ASN B 25 0.07 -9.75 13.30
N GLY B 26 0.28 -10.74 14.12
CA GLY B 26 1.56 -11.49 14.07
C GLY B 26 1.60 -12.35 12.80
N ASP B 1 0.59 17.00 -15.01
CA ASP B 1 0.56 15.52 -14.84
C ASP B 1 0.88 15.16 -13.40
N ARG B 2 0.12 14.28 -12.81
CA ARG B 2 0.38 13.88 -11.39
C ARG B 2 1.69 13.09 -11.30
N GLY B 3 2.02 12.37 -12.34
CA GLY B 3 3.28 11.58 -12.32
C GLY B 3 3.04 10.25 -11.59
N LEU B 4 1.90 10.09 -10.99
CA LEU B 4 1.61 8.83 -10.26
C LEU B 4 0.41 8.11 -10.90
N THR B 5 0.41 6.81 -10.88
CA THR B 5 -0.73 6.06 -11.49
C THR B 5 -1.46 5.23 -10.43
N SER B 6 -2.36 4.40 -10.84
CA SER B 6 -3.12 3.56 -9.86
C SER B 6 -2.18 2.56 -9.18
N ARG B 7 -1.04 2.30 -9.76
CA ARG B 7 -0.09 1.34 -9.16
C ARG B 7 0.79 2.05 -8.12
N ASP B 8 0.93 3.34 -8.24
CA ASP B 8 1.78 4.09 -7.27
C ASP B 8 0.89 4.88 -6.31
N ARG B 9 -0.07 5.59 -6.81
CA ARG B 9 -0.97 6.38 -5.92
C ARG B 9 -1.71 5.44 -4.97
N ARG B 10 -2.13 4.30 -5.44
CA ARG B 10 -2.86 3.35 -4.56
C ARG B 10 -1.87 2.57 -3.69
N ARG B 11 -0.67 2.40 -4.17
CA ARG B 11 0.35 1.65 -3.39
C ARG B 11 0.74 2.42 -2.12
N ILE B 12 0.76 3.72 -2.17
CA ILE B 12 1.13 4.50 -0.96
C ILE B 12 -0.08 4.71 -0.06
N ALA B 13 -1.18 5.15 -0.59
CA ALA B 13 -2.37 5.35 0.29
C ALA B 13 -2.54 4.10 1.14
N ARG B 14 -2.07 2.99 0.65
CA ARG B 14 -2.16 1.72 1.42
C ARG B 14 -0.96 1.64 2.36
N TRP B 15 0.13 2.23 1.95
CA TRP B 15 1.35 2.24 2.82
C TRP B 15 1.00 2.83 4.19
N GLU B 16 -0.10 3.52 4.27
CA GLU B 16 -0.50 4.13 5.56
C GLU B 16 -1.77 3.48 6.10
N LYS B 17 -2.60 2.97 5.23
CA LYS B 17 -3.85 2.31 5.68
C LYS B 17 -3.63 0.80 5.79
N ARG B 18 -2.48 0.33 5.37
CA ARG B 18 -2.20 -1.13 5.46
C ARG B 18 -1.21 -1.40 6.59
N ILE B 19 -0.24 -0.54 6.77
CA ILE B 19 0.73 -0.77 7.88
C ILE B 19 -0.04 -1.15 9.14
N ALA B 20 -1.23 -0.64 9.28
CA ALA B 20 -2.06 -0.96 10.47
C ALA B 20 -2.20 -2.47 10.62
N TYR B 21 -2.63 -3.15 9.58
CA TYR B 21 -2.79 -4.63 9.66
C TYR B 21 -1.46 -5.28 10.05
N ALA B 22 -0.46 -5.14 9.21
CA ALA B 22 0.87 -5.74 9.52
C ALA B 22 1.40 -5.22 10.85
N LEU B 23 0.92 -4.09 11.28
CA LEU B 23 1.39 -3.52 12.58
C LEU B 23 0.48 -3.98 13.72
N LYS B 24 -0.74 -4.30 13.40
CA LYS B 24 -1.69 -4.76 14.46
C LYS B 24 -1.68 -6.29 14.57
N ASN B 25 -1.06 -6.95 13.63
CA ASN B 25 -1.01 -8.44 13.67
C ASN B 25 0.43 -8.92 13.54
N GLY B 26 0.91 -9.62 14.54
CA GLY B 26 2.32 -10.12 14.48
C GLY B 26 2.31 -11.65 14.50
N ASP B 1 4.81 5.51 -21.27
CA ASP B 1 4.16 6.28 -20.18
C ASP B 1 4.95 6.13 -18.88
N ARG B 2 4.33 6.38 -17.76
CA ARG B 2 5.04 6.25 -16.46
C ARG B 2 5.43 4.79 -16.20
N GLY B 3 4.68 3.87 -16.75
CA GLY B 3 5.00 2.43 -16.55
C GLY B 3 4.35 1.94 -15.25
N LEU B 4 3.89 2.85 -14.43
CA LEU B 4 3.24 2.44 -13.16
C LEU B 4 1.72 2.54 -13.28
N THR B 5 1.02 1.44 -13.15
CA THR B 5 -0.46 1.49 -13.26
C THR B 5 -1.06 2.23 -12.06
N SER B 6 -2.36 2.35 -12.02
CA SER B 6 -3.00 3.08 -10.88
C SER B 6 -2.73 2.33 -9.57
N ARG B 7 -2.31 1.09 -9.66
CA ARG B 7 -2.03 0.31 -8.43
C ARG B 7 -0.80 0.88 -7.72
N ASP B 8 0.23 1.20 -8.46
CA ASP B 8 1.47 1.75 -7.82
C ASP B 8 1.12 2.96 -6.95
N ARG B 9 0.60 4.00 -7.54
CA ARG B 9 0.25 5.20 -6.73
C ARG B 9 -0.63 4.82 -5.54
N ARG B 10 -1.73 4.14 -5.79
CA ARG B 10 -2.62 3.74 -4.68
C ARG B 10 -1.96 2.67 -3.81
N ARG B 11 -0.94 2.03 -4.33
CA ARG B 11 -0.25 0.97 -3.54
C ARG B 11 0.60 1.59 -2.43
N ILE B 12 1.04 2.81 -2.61
CA ILE B 12 1.87 3.45 -1.55
C ILE B 12 0.99 3.97 -0.42
N ALA B 13 -0.02 4.74 -0.72
CA ALA B 13 -0.90 5.23 0.38
C ALA B 13 -1.28 4.03 1.25
N ARG B 14 -1.28 2.87 0.68
CA ARG B 14 -1.61 1.64 1.44
C ARG B 14 -0.41 1.28 2.32
N TRP B 15 0.77 1.62 1.85
CA TRP B 15 2.01 1.33 2.63
C TRP B 15 1.86 1.92 4.03
N GLU B 16 0.97 2.86 4.18
CA GLU B 16 0.78 3.51 5.50
C GLU B 16 -0.61 3.16 6.07
N LYS B 17 -1.50 2.73 5.23
CA LYS B 17 -2.86 2.35 5.71
C LYS B 17 -2.97 0.83 5.82
N ARG B 18 -2.03 0.13 5.25
CA ARG B 18 -2.06 -1.36 5.31
C ARG B 18 -1.15 -1.86 6.44
N ILE B 19 0.01 -1.27 6.58
CA ILE B 19 0.93 -1.71 7.66
C ILE B 19 0.15 -1.91 8.95
N ALA B 20 -0.84 -1.08 9.19
CA ALA B 20 -1.65 -1.23 10.43
C ALA B 20 -2.10 -2.68 10.60
N TYR B 21 -2.24 -3.40 9.51
CA TYR B 21 -2.68 -4.82 9.61
C TYR B 21 -1.48 -5.71 9.96
N ALA B 22 -0.49 -5.75 9.11
CA ALA B 22 0.71 -6.59 9.39
C ALA B 22 1.35 -6.16 10.71
N LEU B 23 1.01 -5.00 11.20
CA LEU B 23 1.61 -4.52 12.48
C LEU B 23 0.65 -4.80 13.64
N LYS B 24 -0.63 -4.89 13.36
CA LYS B 24 -1.62 -5.16 14.44
C LYS B 24 -1.93 -6.66 14.51
N ASN B 25 -1.36 -7.44 13.63
CA ASN B 25 -1.64 -8.90 13.64
C ASN B 25 -0.32 -9.68 13.62
N GLY B 26 0.06 -10.25 14.73
CA GLY B 26 1.34 -11.03 14.77
C GLY B 26 1.19 -12.19 15.75
N ASP B 1 7.34 -4.69 -14.38
CA ASP B 1 6.29 -5.34 -15.23
C ASP B 1 6.25 -4.67 -16.60
N ARG B 2 5.14 -4.79 -17.29
CA ARG B 2 5.03 -4.16 -18.64
C ARG B 2 4.97 -2.63 -18.51
N GLY B 3 4.51 -2.14 -17.39
CA GLY B 3 4.43 -0.67 -17.20
C GLY B 3 3.82 -0.36 -15.83
N LEU B 4 3.47 0.88 -15.60
CA LEU B 4 2.87 1.25 -14.27
C LEU B 4 1.36 1.42 -14.41
N THR B 5 0.60 0.82 -13.54
CA THR B 5 -0.88 0.96 -13.62
C THR B 5 -1.42 1.56 -12.31
N SER B 6 -2.67 1.93 -12.30
CA SER B 6 -3.26 2.51 -11.06
C SER B 6 -2.95 1.62 -9.86
N ARG B 7 -3.04 0.32 -10.04
CA ARG B 7 -2.75 -0.60 -8.90
C ARG B 7 -1.32 -0.37 -8.38
N ASP B 8 -0.39 -0.17 -9.27
CA ASP B 8 1.02 0.06 -8.82
C ASP B 8 1.08 1.22 -7.84
N ARG B 9 0.81 2.41 -8.29
CA ARG B 9 0.86 3.60 -7.38
C ARG B 9 0.02 3.31 -6.13
N ARG B 10 -1.18 2.80 -6.31
CA ARG B 10 -2.03 2.51 -5.13
C ARG B 10 -1.39 1.39 -4.31
N ARG B 11 -0.65 0.52 -4.94
CA ARG B 11 0.00 -0.59 -4.20
C ARG B 11 0.86 -0.03 -3.06
N ILE B 12 1.58 1.03 -3.31
CA ILE B 12 2.43 1.61 -2.24
C ILE B 12 1.54 2.20 -1.13
N ALA B 13 0.53 2.94 -1.49
CA ALA B 13 -0.35 3.51 -0.43
C ALA B 13 -0.70 2.41 0.57
N ARG B 14 -0.72 1.19 0.12
CA ARG B 14 -1.01 0.07 1.04
C ARG B 14 0.11 -0.01 2.06
N TRP B 15 1.31 0.28 1.65
CA TRP B 15 2.46 0.26 2.59
C TRP B 15 2.04 0.91 3.91
N GLU B 16 1.16 1.86 3.82
CA GLU B 16 0.69 2.56 5.05
C GLU B 16 -0.58 1.91 5.57
N LYS B 17 -1.28 1.20 4.72
CA LYS B 17 -2.52 0.52 5.18
C LYS B 17 -2.18 -0.92 5.59
N ARG B 18 -1.03 -1.39 5.19
CA ARG B 18 -0.61 -2.77 5.56
C ARG B 18 -0.06 -2.78 6.98
N ILE B 19 0.77 -1.82 7.31
CA ILE B 19 1.34 -1.76 8.68
C ILE B 19 0.21 -1.89 9.71
N ALA B 20 -0.84 -1.13 9.55
CA ALA B 20 -1.96 -1.22 10.52
C ALA B 20 -2.36 -2.68 10.73
N TYR B 21 -2.38 -3.46 9.68
CA TYR B 21 -2.75 -4.89 9.81
C TYR B 21 -1.55 -5.70 10.31
N ALA B 22 -0.46 -5.65 9.60
CA ALA B 22 0.75 -6.41 10.03
C ALA B 22 1.25 -5.93 11.39
N LEU B 23 0.92 -4.72 11.76
CA LEU B 23 1.38 -4.20 13.08
C LEU B 23 0.34 -4.54 14.16
N LYS B 24 -0.91 -4.63 13.78
CA LYS B 24 -1.96 -4.95 14.78
C LYS B 24 -2.11 -6.48 14.92
N ASN B 25 -1.70 -7.20 13.91
CA ASN B 25 -1.80 -8.70 13.98
C ASN B 25 -0.53 -9.28 14.59
N GLY B 26 0.56 -8.56 14.54
CA GLY B 26 1.82 -9.09 15.11
C GLY B 26 2.18 -8.32 16.38
N ASP B 1 7.28 -3.99 -19.32
CA ASP B 1 6.56 -3.10 -18.37
C ASP B 1 6.28 -1.75 -19.02
N ARG B 2 5.07 -1.54 -19.48
CA ARG B 2 4.74 -0.24 -20.14
C ARG B 2 4.76 0.90 -19.11
N GLY B 3 4.67 0.57 -17.85
CA GLY B 3 4.69 1.61 -16.80
C GLY B 3 4.01 1.09 -15.53
N LEU B 4 3.34 1.94 -14.81
CA LEU B 4 2.65 1.49 -13.57
C LEU B 4 1.14 1.68 -13.69
N THR B 5 0.39 0.65 -13.43
CA THR B 5 -1.10 0.76 -13.54
C THR B 5 -1.65 1.59 -12.37
N SER B 6 -2.93 1.82 -12.34
CA SER B 6 -3.52 2.61 -11.23
C SER B 6 -3.33 1.89 -9.90
N ARG B 7 -2.98 0.64 -9.94
CA ARG B 7 -2.76 -0.12 -8.67
C ARG B 7 -1.42 0.26 -8.05
N ASP B 8 -0.47 0.63 -8.85
CA ASP B 8 0.87 1.01 -8.29
C ASP B 8 0.72 2.24 -7.38
N ARG B 9 0.12 3.28 -7.86
CA ARG B 9 -0.05 4.50 -7.01
C ARG B 9 -0.87 4.14 -5.78
N ARG B 10 -2.00 3.52 -5.96
CA ARG B 10 -2.83 3.13 -4.79
C ARG B 10 -2.09 2.12 -3.93
N ARG B 11 -1.26 1.31 -4.53
CA ARG B 11 -0.50 0.30 -3.74
C ARG B 11 0.22 0.98 -2.58
N ILE B 12 0.67 2.20 -2.79
CA ILE B 12 1.38 2.91 -1.69
C ILE B 12 0.37 3.36 -0.63
N ALA B 13 -0.74 3.93 -1.02
CA ALA B 13 -1.73 4.36 0.01
C ALA B 13 -1.95 3.21 0.98
N ARG B 14 -1.73 2.00 0.54
CA ARG B 14 -1.89 0.84 1.45
C ARG B 14 -0.74 0.83 2.45
N TRP B 15 0.39 1.36 2.05
CA TRP B 15 1.56 1.43 2.97
C TRP B 15 1.09 2.03 4.30
N GLU B 16 0.04 2.79 4.25
CA GLU B 16 -0.48 3.44 5.48
C GLU B 16 -1.74 2.73 5.96
N LYS B 17 -2.15 1.71 5.26
CA LYS B 17 -3.35 0.94 5.66
C LYS B 17 -2.92 -0.50 6.00
N ARG B 18 -1.81 -0.93 5.46
CA ARG B 18 -1.31 -2.30 5.75
C ARG B 18 -0.64 -2.32 7.12
N ILE B 19 0.19 -1.34 7.40
CA ILE B 19 0.88 -1.29 8.71
C ILE B 19 -0.11 -1.65 9.82
N ALA B 20 -1.23 -0.99 9.87
CA ALA B 20 -2.23 -1.31 10.93
C ALA B 20 -2.44 -2.83 11.01
N TYR B 21 -2.60 -3.48 9.90
CA TYR B 21 -2.81 -4.96 9.91
C TYR B 21 -1.51 -5.67 10.31
N ALA B 22 -0.47 -5.48 9.56
CA ALA B 22 0.83 -6.14 9.88
C ALA B 22 1.35 -5.67 11.24
N LEU B 23 0.85 -4.56 11.73
CA LEU B 23 1.31 -4.05 13.05
C LEU B 23 0.36 -4.51 14.15
N LYS B 24 -0.91 -4.50 13.89
CA LYS B 24 -1.89 -4.94 14.92
C LYS B 24 -1.92 -6.46 15.02
N ASN B 25 -1.41 -7.14 14.02
CA ASN B 25 -1.42 -8.63 14.06
C ASN B 25 0.02 -9.16 14.17
N GLY B 26 0.30 -9.92 15.20
CA GLY B 26 1.67 -10.47 15.37
C GLY B 26 1.86 -10.91 16.82
N ASP B 1 2.25 3.12 -22.02
CA ASP B 1 3.57 2.55 -21.62
C ASP B 1 4.10 3.27 -20.37
N ARG B 2 3.24 3.60 -19.44
CA ARG B 2 3.68 4.29 -18.21
C ARG B 2 4.53 3.35 -17.34
N GLY B 3 5.51 3.87 -16.66
CA GLY B 3 6.36 3.00 -15.80
C GLY B 3 5.57 2.56 -14.58
N LEU B 4 4.62 3.35 -14.15
CA LEU B 4 3.81 2.97 -12.95
C LEU B 4 2.31 3.06 -13.28
N THR B 5 1.54 2.13 -12.79
CA THR B 5 0.08 2.15 -13.07
C THR B 5 -0.70 2.52 -11.80
N SER B 6 -2.00 2.46 -11.85
CA SER B 6 -2.81 2.81 -10.65
C SER B 6 -2.48 1.85 -9.50
N ARG B 7 -2.10 0.64 -9.82
CA ARG B 7 -1.76 -0.34 -8.76
C ARG B 7 -0.49 0.10 -8.03
N ASP B 8 0.54 0.42 -8.77
CA ASP B 8 1.81 0.85 -8.12
C ASP B 8 1.57 2.06 -7.22
N ARG B 9 1.00 3.11 -7.75
CA ARG B 9 0.73 4.31 -6.92
C ARG B 9 -0.12 3.94 -5.70
N ARG B 10 -1.26 3.33 -5.94
CA ARG B 10 -2.14 2.94 -4.80
C ARG B 10 -1.48 1.83 -3.99
N ARG B 11 -0.49 1.17 -4.55
CA ARG B 11 0.19 0.07 -3.82
C ARG B 11 1.09 0.65 -2.71
N ILE B 12 1.73 1.76 -2.97
CA ILE B 12 2.63 2.35 -1.93
C ILE B 12 1.80 3.00 -0.82
N ALA B 13 0.86 3.83 -1.16
CA ALA B 13 0.04 4.47 -0.09
C ALA B 13 -0.41 3.39 0.90
N ARG B 14 -0.59 2.19 0.41
CA ARG B 14 -1.00 1.08 1.31
C ARG B 14 0.17 0.73 2.23
N TRP B 15 1.37 0.91 1.73
CA TRP B 15 2.58 0.63 2.56
C TRP B 15 2.48 1.36 3.89
N GLU B 16 1.66 2.36 3.96
CA GLU B 16 1.53 3.14 5.21
C GLU B 16 0.13 2.95 5.82
N LYS B 17 -0.78 2.43 5.06
CA LYS B 17 -2.16 2.21 5.61
C LYS B 17 -2.43 0.70 5.68
N ARG B 18 -1.51 -0.10 5.21
CA ARG B 18 -1.69 -1.56 5.24
C ARG B 18 -0.72 -2.18 6.24
N ILE B 19 0.49 -1.70 6.28
CA ILE B 19 1.48 -2.25 7.25
C ILE B 19 0.80 -2.38 8.61
N ALA B 20 -0.10 -1.49 8.91
CA ALA B 20 -0.83 -1.56 10.21
C ALA B 20 -1.40 -2.97 10.41
N TYR B 21 -1.84 -3.60 9.34
CA TYR B 21 -2.40 -4.98 9.46
C TYR B 21 -1.29 -5.97 9.79
N ALA B 22 -0.34 -6.11 8.89
CA ALA B 22 0.78 -7.06 9.13
C ALA B 22 1.52 -6.68 10.42
N LEU B 23 1.30 -5.49 10.92
CA LEU B 23 1.99 -5.07 12.17
C LEU B 23 1.07 -5.28 13.37
N LYS B 24 -0.16 -4.89 13.26
CA LYS B 24 -1.11 -5.07 14.40
C LYS B 24 -1.43 -6.56 14.58
N ASN B 25 -1.19 -7.35 13.57
CA ASN B 25 -1.49 -8.81 13.67
C ASN B 25 -0.18 -9.61 13.76
N GLY B 26 0.03 -10.30 14.85
CA GLY B 26 1.26 -11.10 14.99
C GLY B 26 2.45 -10.17 15.23
N ASP B 1 1.51 12.34 -18.74
CA ASP B 1 0.80 11.38 -17.86
C ASP B 1 0.90 11.81 -16.40
N ARG B 2 0.55 10.94 -15.49
CA ARG B 2 0.63 11.31 -14.04
C ARG B 2 1.68 10.45 -13.34
N GLY B 3 2.35 11.00 -12.36
CA GLY B 3 3.38 10.21 -11.63
C GLY B 3 2.70 9.20 -10.71
N LEU B 4 1.44 9.41 -10.41
CA LEU B 4 0.72 8.45 -9.51
C LEU B 4 -0.24 7.58 -10.33
N THR B 5 -0.21 6.29 -10.12
CA THR B 5 -1.12 5.40 -10.88
C THR B 5 -2.12 4.72 -9.94
N SER B 6 -3.13 4.09 -10.48
CA SER B 6 -4.14 3.43 -9.61
C SER B 6 -3.45 2.50 -8.61
N ARG B 7 -2.30 1.98 -8.96
CA ARG B 7 -1.58 1.08 -8.03
C ARG B 7 -0.83 1.90 -6.96
N ASP B 8 -0.39 3.06 -7.31
CA ASP B 8 0.35 3.91 -6.32
C ASP B 8 -0.59 4.30 -5.17
N ARG B 9 -1.73 4.85 -5.48
CA ARG B 9 -2.69 5.24 -4.41
C ARG B 9 -2.89 4.07 -3.43
N ARG B 10 -3.41 2.98 -3.92
CA ARG B 10 -3.62 1.80 -3.02
C ARG B 10 -2.31 1.48 -2.30
N ARG B 11 -1.20 1.69 -2.94
CA ARG B 11 0.11 1.39 -2.31
C ARG B 11 0.23 2.14 -0.98
N ILE B 12 -0.18 3.37 -0.94
CA ILE B 12 -0.09 4.15 0.33
C ILE B 12 -1.42 4.10 1.09
N ALA B 13 -2.51 4.37 0.42
CA ALA B 13 -3.82 4.31 1.15
C ALA B 13 -3.86 3.01 1.95
N ARG B 14 -3.15 2.02 1.48
CA ARG B 14 -3.08 0.73 2.21
C ARG B 14 -1.92 0.80 3.20
N TRP B 15 -0.90 1.54 2.86
CA TRP B 15 0.26 1.69 3.80
C TRP B 15 -0.26 2.13 5.16
N GLU B 16 -1.42 2.72 5.17
CA GLU B 16 -2.03 3.18 6.44
C GLU B 16 -3.06 2.17 6.92
N LYS B 17 -3.56 1.35 6.03
CA LYS B 17 -4.55 0.32 6.43
C LYS B 17 -3.83 -1.00 6.69
N ARG B 18 -2.61 -1.11 6.22
CA ARG B 18 -1.84 -2.36 6.45
C ARG B 18 -1.19 -2.33 7.83
N ILE B 19 -0.60 -1.23 8.20
CA ILE B 19 0.05 -1.15 9.54
C ILE B 19 -0.88 -1.76 10.59
N ALA B 20 -2.12 -1.34 10.61
CA ALA B 20 -3.08 -1.91 11.61
C ALA B 20 -3.04 -3.44 11.58
N TYR B 21 -3.01 -4.02 10.41
CA TYR B 21 -2.96 -5.50 10.31
C TYR B 21 -1.58 -6.03 10.69
N ALA B 22 -0.55 -5.56 10.02
CA ALA B 22 0.83 -6.04 10.33
C ALA B 22 1.26 -5.57 11.71
N LEU B 23 0.64 -4.55 12.24
CA LEU B 23 1.03 -4.06 13.59
C LEU B 23 0.15 -4.72 14.67
N LYS B 24 -1.11 -4.92 14.36
CA LYS B 24 -2.02 -5.55 15.36
C LYS B 24 -1.82 -7.07 15.36
N ASN B 25 -1.09 -7.59 14.42
CA ASN B 25 -0.88 -9.06 14.37
C ASN B 25 0.52 -9.41 14.91
N GLY B 26 1.33 -8.41 15.15
CA GLY B 26 2.71 -8.68 15.67
C GLY B 26 2.92 -7.92 16.99
#